data_4B0M
#
_entry.id   4B0M
#
_cell.length_a   35.281
_cell.length_b   77.436
_cell.length_c   95.858
_cell.angle_alpha   90.00
_cell.angle_beta   98.48
_cell.angle_gamma   90.00
#
_symmetry.space_group_name_H-M   'P 1 21 1'
#
loop_
_entity.id
_entity.type
_entity.pdbx_description
1 polymer 'F1 CAPSULE-ANCHORING PROTEIN'
2 polymer 'F1 CAPSULE ANTIGEN'
3 polymer 'CHAPERONE PROTEIN CAF1M'
4 water water
#
loop_
_entity_poly.entity_id
_entity_poly.type
_entity_poly.pdbx_seq_one_letter_code
_entity_poly.pdbx_strand_id
1 'polypeptide(L)'
;AYTFDSTMLDTNSGESIDVSLFNQGLQLPGNYFVNVFVNGRKVDSGNIDFRLEKHNGKELLWPCLSSLQLTKYGIDIDKY
PDLIKSGTEQCVDLLAIPHSDVQFYFNQQKLSLIVPPQALLPRFDGIMPMQLWDDG
;
A
2 'polypeptide(L)'
;ADLTASTTATATLVEPARITLTYKEGAPITIMDNGNIDTELLVGTLTLGGYKTGTTSTSVNFTDAAGDPMYLTFTSQDGN
NHQFTTKVIGKDSRDFDISPKVNGENLVGDDVVLATGSQDFFVRSIGSKGGKLAAGKYTDAVTVTVSNQ
;
B
3 'polypeptide(L)'
;AQPDIKFASKEYGVTIGESRIIYPLDAAGVMVSVKNTQDYPVLIQSRIYDENKEKESEDPFVVTPPLFRLDAKQQNSLRI
AQAGGVFPRDKESLKWLCVKGIPPKDEDIWVDDATNKQKFNPDKDVGVFVQFAINNCIKLLVRPNELKGTPIQFAENLSW
KVDGGKLIAENPSPFYMNIGELTFGGKSIPSHYIPPKSTWAFDLPKGLAGARNVSWRIINDQGGLDRLYSKNVTL
;
M
#
# COMPACT_ATOMS: atom_id res chain seq x y z
N ALA A 1 -18.90 12.71 11.77
CA ALA A 1 -18.92 11.25 12.14
C ALA A 1 -18.81 10.30 10.94
N TYR A 2 -17.75 9.49 10.95
CA TYR A 2 -17.54 8.45 9.94
C TYR A 2 -17.86 7.03 10.42
N THR A 3 -18.41 6.22 9.51
CA THR A 3 -18.66 4.80 9.79
C THR A 3 -18.02 3.92 8.71
N PHE A 4 -17.39 2.80 9.13
CA PHE A 4 -16.78 1.81 8.23
C PHE A 4 -17.64 0.58 8.21
N ASP A 5 -17.55 -0.20 7.14
CA ASP A 5 -18.06 -1.54 7.16
C ASP A 5 -17.02 -2.44 6.51
N SER A 6 -17.30 -3.72 6.44
CA SER A 6 -16.32 -4.68 6.02
C SER A 6 -16.31 -4.92 4.52
N THR A 7 -17.08 -4.18 3.73
CA THR A 7 -17.28 -4.45 2.26
C THR A 7 -15.96 -4.65 1.46
N MET A 8 -14.99 -3.76 1.71
CA MET A 8 -13.71 -3.74 0.99
C MET A 8 -12.51 -4.40 1.77
N LEU A 9 -12.78 -5.13 2.85
CA LEU A 9 -11.70 -5.70 3.62
C LEU A 9 -11.50 -7.09 3.09
N ASP A 10 -10.25 -7.49 2.98
CA ASP A 10 -9.93 -8.84 2.57
C ASP A 10 -10.32 -9.76 3.70
N THR A 11 -11.30 -10.59 3.38
CA THR A 11 -11.93 -11.51 4.31
C THR A 11 -11.49 -12.88 3.84
N ASN A 12 -10.87 -13.62 4.75
CA ASN A 12 -10.49 -14.99 4.45
C ASN A 12 -11.71 -15.91 4.35
N SER A 13 -12.26 -15.94 3.12
CA SER A 13 -13.45 -16.72 2.70
C SER A 13 -14.42 -17.24 3.78
N GLY A 14 -15.36 -16.38 4.18
CA GLY A 14 -16.22 -16.64 5.32
C GLY A 14 -15.50 -16.56 6.66
N GLU A 15 -14.68 -15.51 6.84
CA GLU A 15 -13.94 -15.29 8.09
C GLU A 15 -14.57 -14.24 9.02
N SER A 16 -15.01 -13.10 8.48
CA SER A 16 -15.70 -12.03 9.29
C SER A 16 -14.76 -10.99 9.96
N ILE A 17 -14.73 -9.77 9.43
CA ILE A 17 -13.88 -8.73 10.02
C ILE A 17 -14.71 -7.68 10.79
N ASP A 18 -14.45 -7.60 12.08
CA ASP A 18 -15.24 -6.80 12.98
C ASP A 18 -14.60 -5.40 12.89
N VAL A 19 -15.39 -4.38 12.60
CA VAL A 19 -14.81 -3.01 12.57
C VAL A 19 -15.37 -2.12 13.66
N SER A 20 -16.02 -2.72 14.62
CA SER A 20 -16.77 -1.97 15.66
C SER A 20 -15.84 -1.07 16.55
N LEU A 21 -14.61 -1.54 16.86
CA LEU A 21 -13.62 -0.66 17.56
C LEU A 21 -13.21 0.52 16.72
N PHE A 22 -12.89 0.30 15.45
CA PHE A 22 -12.56 1.40 14.55
C PHE A 22 -13.69 2.44 14.48
N ASN A 23 -14.93 1.98 14.47
CA ASN A 23 -16.06 2.93 14.48
C ASN A 23 -16.23 3.83 15.74
N GLN A 24 -15.63 3.46 16.86
CA GLN A 24 -15.72 4.23 18.16
C GLN A 24 -14.66 5.32 18.27
N GLY A 25 -13.38 5.21 17.14
CA GLY A 25 -12.07 5.82 17.01
C GLY A 25 -11.09 5.16 17.93
N LEU A 26 -11.20 3.85 18.08
CA LEU A 26 -10.24 3.07 18.81
C LEU A 26 -9.43 2.17 17.88
N GLN A 27 -8.45 1.48 18.40
CA GLN A 27 -7.65 0.55 17.60
C GLN A 27 -7.76 -0.83 18.22
N LEU A 28 -7.28 -1.86 17.52
CA LEU A 28 -7.38 -3.21 18.02
C LEU A 28 -6.37 -3.49 19.14
N PRO A 29 -6.81 -4.24 20.16
CA PRO A 29 -5.86 -4.73 21.12
C PRO A 29 -4.88 -5.69 20.45
N GLY A 30 -3.67 -5.77 20.95
CA GLY A 30 -2.70 -6.70 20.33
C GLY A 30 -1.31 -6.14 20.49
N ASN A 31 -0.41 -6.64 19.64
CA ASN A 31 1.00 -6.45 19.76
C ASN A 31 1.39 -5.29 18.84
N TYR A 32 2.04 -4.27 19.38
CA TYR A 32 2.48 -3.12 18.61
C TYR A 32 3.96 -2.84 18.87
N PHE A 33 4.70 -2.55 17.81
CA PHE A 33 6.10 -2.11 17.92
C PHE A 33 6.15 -0.62 18.18
N VAL A 34 6.70 -0.22 19.33
CA VAL A 34 6.59 1.17 19.75
C VAL A 34 7.94 1.70 20.22
N ASN A 35 8.09 3.03 20.17
CA ASN A 35 9.13 3.74 20.94
C ASN A 35 8.59 4.12 22.33
N VAL A 36 9.35 3.78 23.37
CA VAL A 36 9.01 4.07 24.76
C VAL A 36 9.74 5.33 25.25
N PHE A 37 8.99 6.30 25.76
CA PHE A 37 9.50 7.55 26.36
C PHE A 37 9.17 7.63 27.85
N VAL A 38 10.16 7.91 28.69
CA VAL A 38 9.89 8.16 30.09
C VAL A 38 10.24 9.61 30.40
N ASN A 39 9.22 10.38 30.81
CA ASN A 39 9.27 11.83 31.00
C ASN A 39 9.85 12.61 29.81
N GLY A 40 9.57 12.09 28.60
CA GLY A 40 9.98 12.71 27.33
C GLY A 40 11.32 12.25 26.78
N ARG A 41 12.02 11.44 27.57
CA ARG A 41 13.34 10.91 27.22
C ARG A 41 13.15 9.51 26.61
N LYS A 42 13.44 9.37 25.31
CA LYS A 42 13.26 8.08 24.63
C LYS A 42 14.15 7.01 25.28
N VAL A 43 13.53 5.85 25.58
CA VAL A 43 14.21 4.78 26.34
C VAL A 43 14.19 3.43 25.65
N ASP A 44 13.23 3.17 24.71
CA ASP A 44 13.14 1.85 24.05
C ASP A 44 12.36 1.78 22.74
N SER A 45 12.53 0.61 22.11
CA SER A 45 11.74 0.20 20.95
C SER A 45 11.53 -1.29 21.17
N GLY A 46 10.27 -1.75 21.10
CA GLY A 46 10.02 -3.15 21.28
C GLY A 46 8.57 -3.39 21.02
N ASN A 47 8.30 -4.66 20.76
CA ASN A 47 6.95 -5.14 20.73
C ASN A 47 6.38 -5.18 22.13
N ILE A 48 5.24 -4.50 22.33
CA ILE A 48 4.56 -4.44 23.61
C ILE A 48 3.09 -4.86 23.36
N ASP A 49 2.56 -5.67 24.25
CA ASP A 49 1.17 -6.13 24.20
C ASP A 49 0.29 -5.04 24.85
N PHE A 50 -0.76 -4.62 24.14
CA PHE A 50 -1.75 -3.66 24.67
C PHE A 50 -3.15 -4.28 24.78
N ARG A 51 -3.87 -4.00 25.87
CA ARG A 51 -5.28 -4.35 25.92
C ARG A 51 -6.15 -3.12 26.14
N LEU A 52 -7.45 -3.26 25.87
CA LEU A 52 -8.34 -2.16 26.14
C LEU A 52 -8.75 -2.16 27.62
N GLU A 53 -8.57 -1.01 28.26
CA GLU A 53 -9.06 -0.81 29.64
C GLU A 53 -9.79 0.52 29.76
N LYS A 54 -10.78 0.62 30.64
CA LYS A 54 -11.55 1.84 30.72
C LYS A 54 -10.94 2.78 31.76
N HIS A 55 -10.59 4.00 31.37
CA HIS A 55 -10.04 4.99 32.32
C HIS A 55 -10.83 6.30 32.30
N ASN A 56 -11.22 6.73 33.49
CA ASN A 56 -12.28 7.70 33.71
C ASN A 56 -13.30 7.82 32.57
N GLY A 57 -13.85 6.67 32.18
CA GLY A 57 -14.97 6.65 31.25
C GLY A 57 -14.54 6.34 29.83
N LYS A 58 -13.24 6.47 29.58
CA LYS A 58 -12.65 6.30 28.25
C LYS A 58 -11.83 5.00 28.09
N GLU A 59 -12.17 4.24 27.07
CA GLU A 59 -11.43 3.06 26.66
C GLU A 59 -10.11 3.48 26.01
N LEU A 60 -8.99 2.95 26.50
CA LEU A 60 -7.67 3.20 25.89
C LEU A 60 -6.79 1.95 25.89
N LEU A 61 -5.86 1.90 24.95
CA LEU A 61 -4.94 0.79 24.91
C LEU A 61 -3.90 0.95 26.02
N TRP A 62 -3.62 -0.14 26.68
CA TRP A 62 -2.86 -0.11 27.91
C TRP A 62 -1.75 -1.17 27.85
N PRO A 63 -0.48 -0.75 28.11
CA PRO A 63 0.71 -1.58 27.88
C PRO A 63 0.94 -2.63 28.99
N CYS A 64 1.31 -3.84 28.61
CA CYS A 64 1.74 -4.82 29.60
C CYS A 64 3.25 -4.63 29.72
N LEU A 65 3.68 -4.01 30.83
CA LEU A 65 5.11 -3.74 31.10
C LEU A 65 5.60 -4.58 32.29
N SER A 66 6.82 -5.12 32.17
CA SER A 66 7.43 -5.85 33.29
C SER A 66 8.19 -4.94 34.22
N SER A 67 8.37 -5.37 35.48
CA SER A 67 9.25 -4.68 36.43
C SER A 67 10.70 -4.55 35.91
N LEU A 68 11.19 -5.61 35.27
CA LEU A 68 12.47 -5.61 34.55
C LEU A 68 12.57 -4.47 33.51
N GLN A 69 11.51 -4.32 32.70
CA GLN A 69 11.36 -3.22 31.73
C GLN A 69 11.34 -1.82 32.36
N LEU A 70 10.62 -1.64 33.47
CA LEU A 70 10.60 -0.32 34.12
C LEU A 70 12.00 0.11 34.57
N THR A 71 12.71 -0.80 35.23
CA THR A 71 14.13 -0.59 35.59
C THR A 71 14.95 -0.09 34.38
N LYS A 72 14.93 -0.86 33.30
CA LYS A 72 15.50 -0.49 32.00
C LYS A 72 15.05 0.89 31.43
N TYR A 73 13.90 1.41 31.87
CA TYR A 73 13.40 2.70 31.36
C TYR A 73 13.80 3.91 32.25
N GLY A 74 14.52 3.66 33.35
CA GLY A 74 14.90 4.71 34.28
C GLY A 74 14.08 4.80 35.56
N ILE A 75 13.23 3.80 35.84
CA ILE A 75 12.34 3.90 37.00
C ILE A 75 12.78 3.03 38.20
N ASP A 76 12.72 3.62 39.40
CA ASP A 76 13.05 2.92 40.63
C ASP A 76 11.86 2.12 41.14
N ILE A 77 11.75 0.85 40.56
CA ILE A 77 10.63 -0.07 40.92
C ILE A 77 10.46 -0.34 42.43
N ASP A 78 11.56 -0.22 43.19
CA ASP A 78 11.58 -0.44 44.66
C ASP A 78 10.73 0.56 45.48
N LYS A 79 10.38 1.70 44.84
CA LYS A 79 9.58 2.74 45.52
C LYS A 79 8.10 2.34 45.50
N TYR A 80 7.77 1.40 44.61
CA TYR A 80 6.40 1.12 44.28
C TYR A 80 6.11 -0.38 44.33
N PRO A 81 6.04 -0.99 45.54
CA PRO A 81 5.82 -2.43 45.64
C PRO A 81 4.44 -2.88 45.12
N ASP A 82 3.48 -1.96 45.11
CA ASP A 82 2.15 -2.27 44.55
C ASP A 82 2.23 -2.58 43.04
N LEU A 83 3.34 -2.21 42.39
CA LEU A 83 3.60 -2.60 40.99
C LEU A 83 3.44 -4.10 40.72
N ILE A 84 3.96 -4.93 41.61
CA ILE A 84 3.80 -6.39 41.48
C ILE A 84 2.50 -6.87 42.15
N GLU A 89 0.94 -13.74 36.35
CA GLU A 89 0.93 -12.75 35.27
C GLU A 89 2.09 -11.74 35.44
N GLN A 90 2.59 -11.24 34.31
CA GLN A 90 3.83 -10.46 34.31
C GLN A 90 3.65 -8.99 33.91
N CYS A 91 2.42 -8.49 34.04
CA CYS A 91 2.15 -7.08 33.76
C CYS A 91 1.97 -6.32 35.07
N VAL A 92 2.76 -5.26 35.24
CA VAL A 92 2.66 -4.37 36.39
C VAL A 92 1.39 -3.49 36.39
N ASP A 93 0.95 -3.12 37.59
CA ASP A 93 -0.11 -2.14 37.80
C ASP A 93 0.51 -0.73 37.68
N LEU A 94 0.45 -0.11 36.52
CA LEU A 94 1.07 1.22 36.38
C LEU A 94 0.42 2.30 37.25
N LEU A 95 -0.82 2.07 37.67
CA LEU A 95 -1.53 3.02 38.56
C LEU A 95 -0.94 3.02 39.97
N ALA A 96 0.02 2.12 40.22
CA ALA A 96 0.77 2.04 41.49
C ALA A 96 1.78 3.21 41.66
N ILE A 97 2.16 3.85 40.57
CA ILE A 97 2.95 5.06 40.63
C ILE A 97 2.04 6.31 40.73
N PRO A 98 2.17 7.08 41.83
CA PRO A 98 1.33 8.29 42.00
C PRO A 98 1.79 9.42 41.06
N HIS A 99 0.92 10.41 40.78
CA HIS A 99 1.28 11.60 39.99
C HIS A 99 1.83 11.26 38.60
N SER A 100 1.22 10.27 37.95
CA SER A 100 1.75 9.76 36.70
C SER A 100 0.72 9.64 35.58
N ASP A 101 1.22 9.69 34.35
CA ASP A 101 0.40 9.57 33.15
C ASP A 101 1.00 8.48 32.25
N VAL A 102 0.14 7.70 31.59
CA VAL A 102 0.55 6.69 30.58
C VAL A 102 -0.35 6.86 29.35
N GLN A 103 0.22 7.26 28.21
CA GLN A 103 -0.54 7.48 26.98
C GLN A 103 0.08 6.73 25.79
N PHE A 104 -0.74 6.04 24.98
CA PHE A 104 -0.27 5.43 23.72
C PHE A 104 -0.70 6.40 22.63
N TYR A 105 0.27 7.14 22.09
CA TYR A 105 0.01 8.01 20.98
C TYR A 105 0.13 7.17 19.74
N PHE A 106 -1.01 6.73 19.25
CA PHE A 106 -1.00 5.63 18.28
C PHE A 106 -0.33 6.00 16.95
N ASN A 107 -0.66 7.17 16.41
CA ASN A 107 -0.23 7.52 15.08
C ASN A 107 1.32 7.49 15.05
N GLN A 108 1.96 7.90 16.14
CA GLN A 108 3.43 7.83 16.22
C GLN A 108 4.05 6.50 16.69
N GLN A 109 3.21 5.57 17.10
CA GLN A 109 3.63 4.33 17.76
C GLN A 109 4.54 4.69 18.94
N LYS A 110 4.07 5.68 19.69
CA LYS A 110 4.82 6.22 20.82
C LYS A 110 4.11 5.93 22.14
N LEU A 111 4.80 5.20 23.04
CA LEU A 111 4.26 4.94 24.38
C LEU A 111 4.88 5.93 25.34
N SER A 112 4.09 6.82 25.89
CA SER A 112 4.63 7.88 26.74
C SER A 112 4.26 7.67 28.18
N LEU A 113 5.28 7.64 29.04
CA LEU A 113 5.14 7.48 30.48
C LEU A 113 5.59 8.77 31.14
N ILE A 114 4.69 9.38 31.90
CA ILE A 114 5.04 10.52 32.74
C ILE A 114 4.85 10.15 34.22
N VAL A 115 5.84 10.55 34.99
CA VAL A 115 6.19 9.92 36.24
C VAL A 115 6.83 11.02 37.12
N PRO A 116 6.50 11.05 38.43
CA PRO A 116 7.05 12.14 39.27
C PRO A 116 8.59 12.11 39.26
N PRO A 117 9.25 13.29 39.24
CA PRO A 117 10.71 13.19 39.14
C PRO A 117 11.37 12.30 40.20
N GLN A 118 10.84 12.31 41.44
CA GLN A 118 11.28 11.39 42.51
C GLN A 118 11.23 9.89 42.14
N ALA A 119 10.41 9.54 41.15
CA ALA A 119 10.26 8.15 40.73
C ALA A 119 11.40 7.68 39.86
N LEU A 120 12.17 8.63 39.32
CA LEU A 120 13.21 8.42 38.31
C LEU A 120 14.59 8.14 38.87
N LEU A 121 15.47 7.55 38.05
CA LEU A 121 16.88 7.39 38.43
C LEU A 121 17.68 8.64 38.05
N PRO A 122 18.62 9.08 38.90
CA PRO A 122 19.30 10.34 38.54
C PRO A 122 20.20 10.14 37.33
N ARG A 123 20.52 11.23 36.64
CA ARG A 123 21.36 11.16 35.44
C ARG A 123 22.32 12.37 35.30
N PHE A 124 23.38 12.35 36.09
CA PHE A 124 24.47 13.34 35.99
C PHE A 124 25.37 13.05 34.79
N ASP A 125 25.59 14.01 33.87
CA ASP A 125 24.90 15.29 33.69
C ASP A 125 24.21 15.21 32.30
N GLY A 126 23.88 16.31 31.63
CA GLY A 126 24.13 17.71 32.04
C GLY A 126 23.50 18.75 31.08
N ILE A 127 22.40 18.23 30.39
CA ILE A 127 21.46 19.15 29.76
C ILE A 127 20.37 19.50 30.79
N MET A 128 20.21 18.64 31.80
CA MET A 128 19.25 18.84 32.90
C MET A 128 19.85 19.53 34.12
N PRO A 129 19.02 20.22 34.91
CA PRO A 129 19.44 20.88 36.16
C PRO A 129 19.97 19.93 37.25
N MET A 130 20.70 20.53 38.20
CA MET A 130 21.33 19.87 39.34
C MET A 130 20.35 19.16 40.26
N GLN A 131 19.25 19.83 40.58
CA GLN A 131 18.14 19.20 41.31
C GLN A 131 16.78 19.68 40.80
N LEU A 132 15.74 18.98 41.24
CA LEU A 132 14.42 19.19 40.71
C LEU A 132 13.38 19.37 41.78
N TRP A 133 12.34 20.12 41.46
CA TRP A 133 11.16 20.18 42.29
C TRP A 133 10.48 18.81 42.20
N ASP A 134 9.87 18.32 43.27
CA ASP A 134 9.19 17.04 43.10
C ASP A 134 7.64 17.03 43.11
N ASP A 135 7.07 15.95 42.56
CA ASP A 135 5.60 15.73 42.40
C ASP A 135 4.86 16.83 41.60
N GLU B 15 12.62 8.27 -1.81
CA GLU B 15 11.57 8.70 -2.76
C GLU B 15 10.31 7.98 -2.29
N PRO B 16 9.31 8.73 -1.84
CA PRO B 16 8.04 8.08 -1.48
C PRO B 16 7.33 7.48 -2.71
N ALA B 17 6.38 6.59 -2.47
CA ALA B 17 5.46 6.12 -3.52
C ALA B 17 4.03 6.65 -3.23
N ARG B 18 3.69 7.78 -3.88
CA ARG B 18 2.41 8.45 -3.76
C ARG B 18 1.50 7.94 -4.86
N ILE B 19 0.31 7.48 -4.52
CA ILE B 19 -0.68 7.13 -5.55
C ILE B 19 -1.92 7.84 -5.18
N THR B 20 -2.58 8.49 -6.17
CA THR B 20 -3.89 9.15 -5.96
C THR B 20 -4.85 8.72 -7.07
N LEU B 21 -6.13 8.83 -6.81
CA LEU B 21 -7.14 8.61 -7.84
C LEU B 21 -8.26 9.64 -7.64
N THR B 22 -8.70 10.30 -8.72
CA THR B 22 -9.94 11.09 -8.67
C THR B 22 -10.96 10.34 -9.53
N TYR B 23 -12.21 10.30 -9.07
CA TYR B 23 -13.28 9.78 -9.88
C TYR B 23 -14.33 10.87 -10.16
N LYS B 24 -14.65 11.07 -11.43
CA LYS B 24 -15.64 12.11 -11.84
C LYS B 24 -16.84 11.43 -12.54
N GLU B 25 -18.03 11.55 -11.95
CA GLU B 25 -19.25 10.91 -12.49
C GLU B 25 -19.61 11.42 -13.86
N GLY B 26 -20.10 10.54 -14.73
CA GLY B 26 -20.55 10.97 -16.06
C GLY B 26 -22.00 11.43 -16.07
N ALA B 27 -22.59 11.52 -17.27
CA ALA B 27 -24.00 11.96 -17.39
C ALA B 27 -24.96 10.92 -16.71
N PRO B 28 -26.18 11.37 -16.37
CA PRO B 28 -27.14 10.48 -15.68
C PRO B 28 -27.44 9.27 -16.59
N ILE B 29 -27.64 8.07 -16.05
CA ILE B 29 -27.95 6.90 -16.93
C ILE B 29 -29.47 6.59 -16.89
N THR B 30 -30.13 6.35 -18.03
CA THR B 30 -31.56 5.97 -18.02
C THR B 30 -31.71 4.64 -18.78
N ILE B 31 -32.71 3.85 -18.39
CA ILE B 31 -32.96 2.58 -19.02
C ILE B 31 -33.74 2.84 -20.32
N MET B 32 -33.32 2.21 -21.40
CA MET B 32 -34.01 2.34 -22.68
C MET B 32 -35.34 1.60 -22.69
N ASP B 33 -36.14 1.87 -23.72
CA ASP B 33 -37.43 1.18 -23.88
C ASP B 33 -37.33 -0.32 -23.79
N ASN B 34 -36.23 -0.91 -24.25
CA ASN B 34 -36.06 -2.35 -24.21
C ASN B 34 -35.56 -2.88 -22.84
N GLY B 35 -35.43 -1.99 -21.85
CA GLY B 35 -34.97 -2.37 -20.48
C GLY B 35 -33.46 -2.52 -20.33
N ASN B 36 -32.69 -2.22 -21.38
CA ASN B 36 -31.22 -2.17 -21.29
C ASN B 36 -30.69 -0.79 -21.16
N ILE B 37 -29.40 -0.64 -20.82
CA ILE B 37 -28.84 0.73 -20.92
C ILE B 37 -28.08 0.77 -22.23
N ASP B 38 -27.85 1.96 -22.77
CA ASP B 38 -27.05 2.07 -24.02
C ASP B 38 -25.57 1.63 -23.82
N THR B 39 -24.95 1.32 -24.92
CA THR B 39 -23.57 0.86 -24.90
C THR B 39 -22.66 2.07 -25.15
N GLU B 40 -21.41 1.99 -24.67
CA GLU B 40 -20.40 3.05 -24.82
C GLU B 40 -20.73 4.38 -24.13
N LEU B 41 -21.63 4.35 -23.13
CA LEU B 41 -21.94 5.56 -22.35
C LEU B 41 -20.75 5.89 -21.47
N LEU B 42 -20.46 7.17 -21.29
CA LEU B 42 -19.39 7.57 -20.36
C LEU B 42 -19.97 7.54 -18.96
N VAL B 43 -19.75 6.41 -18.26
CA VAL B 43 -20.26 6.23 -16.89
C VAL B 43 -19.49 7.14 -15.93
N GLY B 44 -18.18 7.26 -16.13
CA GLY B 44 -17.37 8.13 -15.24
C GLY B 44 -15.93 8.22 -15.73
N THR B 45 -15.19 9.20 -15.20
CA THR B 45 -13.81 9.37 -15.62
C THR B 45 -12.89 9.18 -14.42
N LEU B 46 -11.85 8.35 -14.58
CA LEU B 46 -10.81 8.11 -13.59
C LEU B 46 -9.56 8.92 -13.92
N THR B 47 -9.04 9.65 -12.94
CA THR B 47 -7.71 10.22 -13.06
C THR B 47 -6.69 9.60 -12.05
N LEU B 48 -5.78 8.74 -12.54
CA LEU B 48 -4.71 8.19 -11.69
C LEU B 48 -3.50 9.14 -11.64
N GLY B 49 -2.93 9.35 -10.46
CA GLY B 49 -1.91 10.37 -10.29
C GLY B 49 -0.97 10.04 -9.15
N GLY B 50 0.02 10.93 -8.96
CA GLY B 50 1.04 10.77 -7.92
C GLY B 50 2.22 9.87 -8.29
N TYR B 51 2.01 8.98 -9.26
CA TYR B 51 3.03 7.97 -9.52
C TYR B 51 4.31 8.51 -10.21
N LYS B 52 5.42 7.79 -10.00
CA LYS B 52 6.73 8.17 -10.59
C LYS B 52 6.64 8.02 -12.11
N THR B 53 7.19 8.98 -12.84
CA THR B 53 7.22 8.88 -14.30
C THR B 53 7.91 7.57 -14.68
N GLY B 54 7.33 6.85 -15.65
CA GLY B 54 7.80 5.47 -15.97
C GLY B 54 6.85 4.37 -15.50
N THR B 55 5.91 4.77 -14.63
CA THR B 55 4.82 3.84 -14.23
C THR B 55 4.10 3.33 -15.50
N THR B 56 3.85 2.03 -15.54
CA THR B 56 3.32 1.38 -16.75
C THR B 56 1.83 0.99 -16.64
N SER B 57 1.15 0.90 -17.78
CA SER B 57 -0.27 0.47 -17.77
C SER B 57 -0.51 -1.00 -17.29
N THR B 58 0.43 -1.93 -17.50
CA THR B 58 0.22 -3.28 -17.05
C THR B 58 0.38 -3.35 -15.53
N SER B 59 1.01 -2.32 -14.96
CA SER B 59 1.20 -2.25 -13.49
C SER B 59 -0.02 -1.81 -12.69
N VAL B 60 -1.09 -1.41 -13.43
CA VAL B 60 -2.32 -0.97 -12.83
C VAL B 60 -3.44 -2.01 -13.05
N ASN B 61 -4.08 -2.40 -11.96
CA ASN B 61 -5.16 -3.40 -12.01
C ASN B 61 -6.37 -3.04 -11.18
N PHE B 62 -7.50 -2.77 -11.87
CA PHE B 62 -8.77 -2.45 -11.23
C PHE B 62 -9.54 -3.76 -11.00
N THR B 63 -9.79 -4.15 -9.74
CA THR B 63 -10.46 -5.49 -9.49
C THR B 63 -11.78 -5.27 -8.73
N ASP B 64 -12.71 -6.20 -8.85
CA ASP B 64 -13.92 -6.15 -8.05
C ASP B 64 -14.37 -7.57 -7.68
N ALA B 65 -15.44 -7.64 -6.89
CA ALA B 65 -15.79 -8.99 -6.32
C ALA B 65 -16.27 -9.96 -7.43
N ALA B 66 -16.87 -9.43 -8.48
CA ALA B 66 -17.43 -10.27 -9.58
C ALA B 66 -16.28 -10.96 -10.32
N GLY B 67 -15.13 -10.28 -10.41
CA GLY B 67 -13.86 -10.83 -10.97
C GLY B 67 -13.92 -11.16 -12.45
N ASP B 68 -14.87 -10.56 -13.17
CA ASP B 68 -14.98 -10.81 -14.64
C ASP B 68 -13.75 -10.24 -15.36
N PRO B 69 -12.93 -11.08 -16.04
CA PRO B 69 -11.75 -10.53 -16.72
C PRO B 69 -12.15 -9.45 -17.73
N MET B 70 -11.42 -8.32 -17.66
CA MET B 70 -11.59 -7.14 -18.52
C MET B 70 -12.81 -6.23 -18.17
N TYR B 71 -13.69 -6.61 -17.21
CA TYR B 71 -14.91 -5.80 -17.01
C TYR B 71 -15.20 -5.46 -15.55
N LEU B 72 -15.75 -4.27 -15.26
CA LEU B 72 -16.22 -4.10 -13.91
C LEU B 72 -17.76 -4.33 -13.91
N THR B 73 -18.23 -4.94 -12.86
CA THR B 73 -19.68 -5.34 -12.74
C THR B 73 -20.40 -4.54 -11.70
N PHE B 74 -21.49 -3.90 -12.12
CA PHE B 74 -22.40 -3.17 -11.18
C PHE B 74 -23.70 -3.96 -10.92
N THR B 75 -24.13 -4.03 -9.67
CA THR B 75 -25.31 -4.82 -9.19
C THR B 75 -26.36 -3.92 -8.50
N SER B 76 -27.65 -4.14 -8.80
CA SER B 76 -28.72 -3.40 -8.15
C SER B 76 -28.76 -3.69 -6.64
N GLN B 77 -29.25 -2.72 -5.87
CA GLN B 77 -29.31 -2.92 -4.43
C GLN B 77 -30.70 -3.26 -3.87
N ASP B 78 -31.58 -3.74 -4.76
CA ASP B 78 -32.99 -3.96 -4.48
C ASP B 78 -33.25 -5.44 -4.16
N GLY B 79 -32.19 -6.26 -4.12
CA GLY B 79 -32.32 -7.69 -3.81
C GLY B 79 -32.71 -8.56 -4.99
N ASN B 80 -32.81 -7.96 -6.18
CA ASN B 80 -33.20 -8.69 -7.37
C ASN B 80 -32.06 -9.01 -8.33
N ASN B 81 -30.87 -8.49 -8.01
CA ASN B 81 -29.66 -8.88 -8.69
C ASN B 81 -29.57 -8.50 -10.17
N HIS B 82 -30.01 -7.31 -10.51
CA HIS B 82 -29.86 -6.84 -11.88
C HIS B 82 -28.41 -6.40 -11.99
N GLN B 83 -27.77 -6.68 -13.13
CA GLN B 83 -26.34 -6.35 -13.30
C GLN B 83 -26.03 -5.79 -14.68
N PHE B 84 -25.06 -4.90 -14.73
CA PHE B 84 -24.49 -4.49 -15.99
C PHE B 84 -22.96 -4.45 -15.87
N THR B 85 -22.28 -4.52 -17.04
CA THR B 85 -20.82 -4.48 -17.09
C THR B 85 -20.31 -3.21 -17.72
N THR B 86 -19.05 -2.89 -17.41
CA THR B 86 -18.44 -1.73 -17.97
C THR B 86 -17.01 -2.11 -18.27
N LYS B 87 -16.37 -1.33 -19.14
CA LYS B 87 -14.91 -1.48 -19.43
C LYS B 87 -14.18 -0.20 -19.03
N VAL B 88 -12.86 -0.31 -18.87
CA VAL B 88 -12.02 0.84 -18.51
C VAL B 88 -10.90 1.00 -19.59
N ILE B 89 -10.90 2.12 -20.30
CA ILE B 89 -9.99 2.29 -21.43
C ILE B 89 -9.49 3.75 -21.42
N GLY B 90 -8.39 3.99 -22.13
CA GLY B 90 -7.79 5.30 -22.21
C GLY B 90 -7.04 5.50 -23.51
N LYS B 91 -6.26 6.58 -23.53
CA LYS B 91 -5.48 6.97 -24.71
C LYS B 91 -4.04 7.19 -24.28
N ASP B 92 -3.12 6.81 -25.15
CA ASP B 92 -1.71 7.17 -24.98
C ASP B 92 -1.36 8.51 -25.68
N SER B 93 -0.06 8.86 -25.75
CA SER B 93 0.31 10.17 -26.29
C SER B 93 0.06 10.30 -27.78
N ARG B 94 -0.02 9.16 -28.47
CA ARG B 94 -0.27 9.10 -29.92
C ARG B 94 -1.77 8.88 -30.21
N ASP B 95 -2.60 9.01 -29.18
CA ASP B 95 -4.07 8.82 -29.21
C ASP B 95 -4.46 7.41 -29.64
N PHE B 96 -3.59 6.44 -29.36
CA PHE B 96 -3.92 5.04 -29.57
C PHE B 96 -4.72 4.53 -28.32
N ASP B 97 -5.63 3.57 -28.54
CA ASP B 97 -6.35 2.92 -27.42
C ASP B 97 -5.40 2.15 -26.54
N ILE B 98 -5.48 2.44 -25.24
CA ILE B 98 -4.76 1.66 -24.21
C ILE B 98 -5.77 1.30 -23.10
N SER B 99 -5.33 0.46 -22.16
CA SER B 99 -6.17 0.08 -21.01
C SER B 99 -5.32 -0.47 -19.83
N PRO B 100 -5.75 -0.16 -18.57
CA PRO B 100 -5.18 -0.83 -17.39
C PRO B 100 -5.70 -2.29 -17.37
N LYS B 101 -5.08 -3.12 -16.54
CA LYS B 101 -5.69 -4.45 -16.27
C LYS B 101 -7.00 -4.22 -15.52
N VAL B 102 -8.00 -4.98 -15.89
CA VAL B 102 -9.29 -5.03 -15.08
C VAL B 102 -9.49 -6.50 -14.75
N ASN B 103 -9.56 -6.80 -13.47
CA ASN B 103 -9.51 -8.21 -13.01
C ASN B 103 -8.44 -9.01 -13.71
N GLY B 104 -7.24 -8.42 -13.81
CA GLY B 104 -6.11 -9.22 -14.26
C GLY B 104 -5.78 -9.18 -15.76
N GLU B 105 -6.66 -8.55 -16.56
CA GLU B 105 -6.51 -8.58 -18.07
C GLU B 105 -6.84 -7.26 -18.72
N ASN B 106 -6.07 -6.92 -19.74
CA ASN B 106 -6.20 -5.68 -20.55
C ASN B 106 -7.20 -5.92 -21.67
N LEU B 107 -8.19 -5.06 -21.83
CA LEU B 107 -9.15 -5.20 -22.94
C LEU B 107 -8.54 -4.86 -24.33
N VAL B 108 -7.67 -3.85 -24.36
CA VAL B 108 -7.29 -3.21 -25.60
C VAL B 108 -5.88 -2.61 -25.58
N GLY B 109 -5.14 -2.76 -26.69
CA GLY B 109 -3.89 -2.01 -26.79
C GLY B 109 -2.63 -2.68 -26.29
N ASP B 110 -1.49 -2.02 -26.56
CA ASP B 110 -0.16 -2.40 -26.08
C ASP B 110 0.08 -1.88 -24.65
N ASP B 111 0.96 -2.54 -23.86
CA ASP B 111 1.50 -2.02 -22.60
C ASP B 111 2.19 -0.67 -22.94
N VAL B 112 1.96 0.35 -22.13
CA VAL B 112 2.56 1.66 -22.37
C VAL B 112 3.00 2.34 -21.08
N VAL B 113 3.86 3.34 -21.24
CA VAL B 113 4.24 4.17 -20.07
C VAL B 113 3.05 5.11 -19.89
N LEU B 114 2.55 5.23 -18.67
CA LEU B 114 1.49 6.20 -18.40
C LEU B 114 2.00 7.64 -18.66
N ALA B 115 1.08 8.53 -18.97
CA ALA B 115 1.39 9.97 -19.11
C ALA B 115 2.05 10.51 -17.84
N THR B 116 2.92 11.50 -18.00
CA THR B 116 3.64 12.08 -16.85
C THR B 116 2.65 12.80 -15.96
N GLY B 117 2.83 12.68 -14.64
CA GLY B 117 2.02 13.41 -13.68
C GLY B 117 0.70 12.70 -13.42
N SER B 118 -0.14 12.57 -14.45
CA SER B 118 -1.39 11.78 -14.31
C SER B 118 -1.93 11.24 -15.62
N GLN B 119 -2.82 10.26 -15.49
CA GLN B 119 -3.40 9.61 -16.64
C GLN B 119 -4.90 9.42 -16.45
N ASP B 120 -5.68 9.79 -17.47
CA ASP B 120 -7.12 9.54 -17.42
C ASP B 120 -7.48 8.20 -18.03
N PHE B 121 -8.47 7.57 -17.41
CA PHE B 121 -9.15 6.43 -18.00
C PHE B 121 -10.65 6.68 -17.92
N PHE B 122 -11.37 6.06 -18.84
CA PHE B 122 -12.83 6.18 -18.92
C PHE B 122 -13.53 4.85 -18.69
N VAL B 123 -14.56 4.92 -17.86
CA VAL B 123 -15.36 3.75 -17.53
C VAL B 123 -16.56 3.85 -18.54
N ARG B 124 -16.63 2.91 -19.47
CA ARG B 124 -17.62 2.95 -20.54
C ARG B 124 -18.62 1.79 -20.37
N SER B 125 -19.93 2.03 -20.64
CA SER B 125 -20.91 0.95 -20.52
C SER B 125 -20.76 -0.12 -21.59
N ILE B 126 -21.03 -1.35 -21.18
CA ILE B 126 -21.23 -2.42 -22.14
C ILE B 126 -22.73 -2.68 -22.24
N GLY B 127 -23.34 -3.10 -21.13
CA GLY B 127 -24.82 -3.26 -21.07
C GLY B 127 -25.17 -4.30 -20.01
N SER B 128 -26.48 -4.58 -19.91
CA SER B 128 -27.00 -5.53 -18.92
C SER B 128 -26.30 -6.89 -19.14
N LYS B 129 -26.10 -7.63 -18.05
CA LYS B 129 -25.57 -8.99 -18.09
C LYS B 129 -26.57 -10.03 -18.60
N GLY B 130 -27.86 -9.71 -18.51
CA GLY B 130 -28.94 -10.65 -18.93
C GLY B 130 -30.20 -10.10 -18.30
N GLY B 131 -31.25 -10.00 -19.11
CA GLY B 131 -32.52 -9.58 -18.57
C GLY B 131 -32.65 -8.06 -18.52
N LYS B 132 -33.88 -7.59 -18.37
CA LYS B 132 -34.17 -6.17 -18.27
C LYS B 132 -33.66 -5.72 -16.92
N LEU B 133 -33.14 -4.50 -16.90
CA LEU B 133 -32.68 -3.81 -15.74
C LEU B 133 -33.77 -3.00 -15.13
N ALA B 134 -33.90 -3.07 -13.81
CA ALA B 134 -34.87 -2.22 -13.12
C ALA B 134 -34.26 -0.86 -12.80
N ALA B 135 -35.06 0.18 -12.84
CA ALA B 135 -34.63 1.46 -12.26
C ALA B 135 -34.18 1.28 -10.80
N GLY B 136 -33.19 2.06 -10.36
CA GLY B 136 -32.76 2.00 -8.95
C GLY B 136 -31.26 2.21 -8.73
N LYS B 137 -30.77 1.91 -7.53
CA LYS B 137 -29.36 2.15 -7.18
C LYS B 137 -28.52 0.95 -7.58
N TYR B 138 -27.41 1.17 -8.30
CA TYR B 138 -26.50 0.08 -8.68
C TYR B 138 -25.12 0.40 -8.12
N THR B 139 -24.41 -0.62 -7.64
CA THR B 139 -23.13 -0.39 -6.92
C THR B 139 -22.02 -1.29 -7.40
N ASP B 140 -20.78 -0.88 -7.18
CA ASP B 140 -19.59 -1.74 -7.27
C ASP B 140 -18.57 -1.16 -6.26
N ALA B 141 -17.70 -2.05 -5.79
CA ALA B 141 -16.56 -1.65 -4.92
C ALA B 141 -15.27 -2.10 -5.61
N VAL B 142 -14.46 -1.13 -6.02
CA VAL B 142 -13.34 -1.38 -6.95
C VAL B 142 -12.00 -1.09 -6.27
N THR B 143 -11.13 -2.08 -6.22
CA THR B 143 -9.77 -1.89 -5.70
C THR B 143 -8.88 -1.54 -6.90
N VAL B 144 -8.01 -0.56 -6.68
CA VAL B 144 -7.08 -0.07 -7.69
C VAL B 144 -5.67 -0.38 -7.19
N THR B 145 -5.12 -1.48 -7.74
CA THR B 145 -3.77 -1.96 -7.33
C THR B 145 -2.67 -1.46 -8.27
N VAL B 146 -1.71 -0.74 -7.71
CA VAL B 146 -0.54 -0.33 -8.53
C VAL B 146 0.74 -0.94 -8.00
N SER B 147 1.44 -1.68 -8.88
CA SER B 147 2.63 -2.38 -8.51
C SER B 147 3.74 -1.48 -9.01
N ASN B 148 4.25 -0.65 -8.10
CA ASN B 148 5.34 0.28 -8.44
C ASN B 148 6.64 -0.38 -8.88
N GLN B 149 7.27 0.21 -9.92
CA GLN B 149 8.59 -0.24 -10.37
C GLN B 149 9.65 -0.04 -9.27
N ASP C 4 -14.20 20.54 -12.76
CA ASP C 4 -15.52 20.86 -13.42
C ASP C 4 -16.65 20.33 -12.52
N ILE C 5 -17.30 21.24 -11.80
CA ILE C 5 -18.24 20.88 -10.72
C ILE C 5 -19.65 20.52 -11.20
N LYS C 6 -19.85 20.53 -12.54
CA LYS C 6 -21.05 19.95 -13.16
C LYS C 6 -21.25 18.50 -12.64
N PHE C 7 -20.12 17.80 -12.52
CA PHE C 7 -20.10 16.36 -12.19
C PHE C 7 -19.57 16.14 -10.77
N ALA C 8 -20.19 15.22 -10.02
CA ALA C 8 -19.74 14.91 -8.65
C ALA C 8 -18.46 14.11 -8.73
N SER C 9 -17.53 14.43 -7.83
CA SER C 9 -16.16 13.89 -7.81
C SER C 9 -15.82 13.29 -6.45
N LYS C 10 -14.91 12.33 -6.44
CA LYS C 10 -14.41 11.72 -5.18
C LYS C 10 -12.91 11.55 -5.34
N GLU C 11 -12.17 11.62 -4.23
CA GLU C 11 -10.71 11.58 -4.25
C GLU C 11 -10.22 10.52 -3.28
N TYR C 12 -9.16 9.82 -3.70
CA TYR C 12 -8.50 8.74 -2.93
C TYR C 12 -6.99 8.91 -3.03
N GLY C 13 -6.28 8.35 -2.04
CA GLY C 13 -4.82 8.50 -2.10
C GLY C 13 -4.17 7.79 -0.92
N VAL C 14 -3.16 6.97 -1.20
CA VAL C 14 -2.34 6.42 -0.12
C VAL C 14 -0.88 6.66 -0.49
N THR C 15 -0.07 7.12 0.45
CA THR C 15 1.41 7.28 0.19
C THR C 15 2.24 6.39 1.11
N ILE C 16 3.16 5.62 0.53
CA ILE C 16 4.15 4.90 1.32
C ILE C 16 5.45 5.73 1.32
N GLY C 17 6.09 5.81 2.48
CA GLY C 17 7.29 6.67 2.67
C GLY C 17 8.53 6.33 1.85
N GLU C 18 8.58 5.13 1.28
CA GLU C 18 9.61 4.75 0.31
C GLU C 18 8.98 3.85 -0.75
N SER C 19 9.72 3.69 -1.87
CA SER C 19 9.15 3.04 -3.06
C SER C 19 9.64 1.60 -3.26
N ARG C 20 10.57 1.20 -2.40
CA ARG C 20 11.03 -0.19 -2.28
C ARG C 20 11.58 -0.36 -0.87
N ILE C 21 11.66 -1.60 -0.42
CA ILE C 21 12.32 -1.93 0.88
C ILE C 21 13.49 -2.91 0.58
N ILE C 22 14.69 -2.52 0.99
CA ILE C 22 15.80 -3.45 0.98
C ILE C 22 15.88 -4.07 2.36
N TYR C 23 15.61 -5.37 2.43
CA TYR C 23 15.54 -6.03 3.69
C TYR C 23 16.78 -6.93 3.87
N PRO C 24 17.73 -6.51 4.75
CA PRO C 24 18.92 -7.34 4.94
C PRO C 24 18.47 -8.71 5.52
N LEU C 25 18.82 -9.81 4.85
CA LEU C 25 18.47 -11.14 5.30
C LEU C 25 18.73 -11.34 6.80
N ASP C 26 17.71 -11.78 7.55
CA ASP C 26 17.81 -12.00 9.02
C ASP C 26 17.82 -10.78 9.91
N ALA C 27 17.65 -9.59 9.33
CA ALA C 27 17.42 -8.42 10.15
C ALA C 27 16.16 -8.60 11.02
N ALA C 28 16.18 -8.03 12.22
CA ALA C 28 15.03 -8.14 13.14
C ALA C 28 13.77 -7.57 12.49
N GLY C 29 13.91 -6.40 11.89
CA GLY C 29 12.79 -5.83 11.15
C GLY C 29 13.13 -4.47 10.62
N VAL C 30 12.24 -3.93 9.79
CA VAL C 30 12.41 -2.61 9.16
C VAL C 30 11.10 -1.81 9.27
N MET C 31 11.20 -0.49 9.20
CA MET C 31 10.02 0.37 9.40
C MET C 31 9.74 1.12 8.08
N VAL C 32 8.48 1.32 7.74
CA VAL C 32 8.17 2.18 6.59
C VAL C 32 6.91 2.94 6.91
N SER C 33 6.86 4.20 6.52
CA SER C 33 5.70 4.96 6.89
C SER C 33 4.62 4.84 5.83
N VAL C 34 3.38 5.06 6.26
CA VAL C 34 2.23 5.11 5.39
C VAL C 34 1.47 6.36 5.77
N LYS C 35 1.04 7.08 4.76
CA LYS C 35 0.28 8.29 4.99
C LYS C 35 -1.12 8.33 4.32
N ASN C 36 -2.14 8.74 5.10
CA ASN C 36 -3.49 9.01 4.60
C ASN C 36 -3.56 10.44 4.08
N THR C 37 -3.40 10.62 2.76
CA THR C 37 -3.32 11.99 2.15
C THR C 37 -4.68 12.61 1.97
N GLN C 38 -5.73 11.95 2.44
CA GLN C 38 -7.10 12.42 2.19
C GLN C 38 -7.77 13.12 3.35
N ASP C 39 -8.95 13.63 3.09
CA ASP C 39 -9.73 14.50 3.99
C ASP C 39 -10.73 13.73 4.91
N TYR C 40 -10.60 12.43 4.93
CA TYR C 40 -11.50 11.50 5.59
C TYR C 40 -10.59 10.36 6.12
N PRO C 41 -11.00 9.72 7.20
CA PRO C 41 -10.28 8.54 7.77
C PRO C 41 -10.36 7.31 6.90
N VAL C 42 -9.34 6.49 7.00
CA VAL C 42 -9.40 5.21 6.31
C VAL C 42 -8.98 4.08 7.24
N LEU C 43 -9.26 2.84 6.84
CA LEU C 43 -8.59 1.68 7.48
C LEU C 43 -7.45 1.35 6.57
N ILE C 44 -6.24 1.18 7.13
CA ILE C 44 -5.14 0.66 6.34
C ILE C 44 -4.98 -0.82 6.54
N GLN C 45 -4.95 -1.58 5.45
CA GLN C 45 -4.83 -3.05 5.52
C GLN C 45 -3.56 -3.33 4.73
N SER C 46 -2.56 -3.93 5.39
CA SER C 46 -1.28 -4.22 4.73
C SER C 46 -1.06 -5.74 4.62
N ARG C 47 -0.54 -6.20 3.47
CA ARG C 47 -0.19 -7.61 3.34
C ARG C 47 1.00 -7.88 2.46
N ILE C 48 1.60 -9.03 2.65
CA ILE C 48 2.80 -9.40 1.85
C ILE C 48 2.50 -10.61 0.94
N TYR C 49 3.00 -10.52 -0.28
CA TYR C 49 2.75 -11.51 -1.32
C TYR C 49 4.06 -12.01 -1.84
N ASP C 50 4.07 -13.19 -2.43
CA ASP C 50 5.30 -13.67 -3.07
C ASP C 50 5.46 -12.99 -4.44
N GLU C 51 6.47 -13.35 -5.22
CA GLU C 51 6.70 -12.63 -6.49
C GLU C 51 5.58 -12.81 -7.54
N ASN C 52 4.82 -13.90 -7.41
CA ASN C 52 3.62 -14.12 -8.24
C ASN C 52 2.36 -13.38 -7.80
N LYS C 53 2.51 -12.47 -6.83
CA LYS C 53 1.41 -11.72 -6.21
C LYS C 53 0.42 -12.63 -5.44
N GLU C 54 0.91 -13.80 -5.02
CA GLU C 54 0.13 -14.80 -4.28
C GLU C 54 0.47 -14.82 -2.77
N LYS C 55 -0.54 -15.19 -1.98
CA LYS C 55 -0.35 -15.40 -0.54
C LYS C 55 0.58 -16.60 -0.33
N GLU C 56 1.45 -16.52 0.67
CA GLU C 56 2.38 -17.62 0.98
C GLU C 56 2.03 -18.37 2.28
N ASP C 59 3.66 -17.52 5.67
CA ASP C 59 3.86 -16.08 6.03
C ASP C 59 5.33 -15.81 6.42
N PRO C 60 6.27 -15.99 5.48
CA PRO C 60 7.70 -15.86 5.88
C PRO C 60 8.03 -14.44 6.39
N PHE C 61 7.19 -13.45 6.02
CA PHE C 61 7.25 -12.07 6.52
C PHE C 61 5.95 -11.60 7.23
N VAL C 62 6.09 -10.83 8.31
CA VAL C 62 4.95 -10.32 9.10
C VAL C 62 4.92 -8.74 9.06
N VAL C 63 3.75 -8.13 8.82
CA VAL C 63 3.58 -6.66 8.82
C VAL C 63 2.71 -6.32 9.96
N THR C 64 3.15 -5.42 10.84
CA THR C 64 2.25 -4.99 11.89
C THR C 64 2.21 -3.46 11.96
N PRO C 65 1.05 -2.90 12.31
CA PRO C 65 -0.22 -3.66 12.43
C PRO C 65 -0.86 -3.93 11.04
N PRO C 66 -1.40 -5.14 10.82
CA PRO C 66 -1.96 -5.49 9.50
C PRO C 66 -3.32 -4.83 9.20
N LEU C 67 -3.95 -4.28 10.22
CA LEU C 67 -5.21 -3.52 9.98
C LEU C 67 -5.37 -2.45 11.05
N PHE C 68 -5.45 -1.19 10.63
CA PHE C 68 -5.68 -0.13 11.67
C PHE C 68 -6.37 1.04 11.05
N ARG C 69 -6.88 1.93 11.90
CA ARG C 69 -7.54 3.15 11.41
C ARG C 69 -6.50 4.27 11.31
N LEU C 70 -6.52 4.96 10.18
CA LEU C 70 -5.65 6.16 10.01
C LEU C 70 -6.45 7.39 9.61
N ASP C 71 -6.46 8.39 10.49
CA ASP C 71 -7.29 9.58 10.38
C ASP C 71 -6.85 10.50 9.23
N ALA C 72 -7.75 11.36 8.76
CA ALA C 72 -7.44 12.30 7.67
C ALA C 72 -6.06 13.01 7.87
N LYS C 73 -5.24 12.98 6.80
CA LYS C 73 -3.93 13.65 6.74
C LYS C 73 -2.92 13.06 7.74
N GLN C 74 -3.22 11.95 8.41
CA GLN C 74 -2.26 11.48 9.42
C GLN C 74 -1.33 10.43 8.79
N GLN C 75 -0.18 10.19 9.44
CA GLN C 75 0.71 9.11 9.05
C GLN C 75 0.99 8.14 10.20
N ASN C 76 1.35 6.91 9.84
CA ASN C 76 1.72 5.87 10.84
C ASN C 76 2.88 5.07 10.27
N SER C 77 3.52 4.23 11.06
CA SER C 77 4.58 3.35 10.52
C SER C 77 4.15 1.89 10.57
N LEU C 78 4.62 1.08 9.62
CA LEU C 78 4.44 -0.38 9.59
C LEU C 78 5.78 -0.98 10.00
N ARG C 79 5.75 -2.07 10.75
CA ARG C 79 6.95 -2.83 11.01
C ARG C 79 6.84 -4.08 10.19
N ILE C 80 7.85 -4.30 9.38
CA ILE C 80 7.94 -5.47 8.53
C ILE C 80 9.05 -6.33 9.12
N ALA C 81 8.73 -7.58 9.40
CA ALA C 81 9.63 -8.42 10.20
C ALA C 81 9.68 -9.81 9.62
N GLN C 82 10.89 -10.29 9.31
CA GLN C 82 11.09 -11.64 8.83
C GLN C 82 10.72 -12.69 9.88
N ALA C 83 9.99 -13.71 9.44
CA ALA C 83 9.49 -14.74 10.34
C ALA C 83 10.06 -16.07 9.84
N GLY C 84 11.37 -16.20 9.91
CA GLY C 84 12.01 -17.38 9.34
C GLY C 84 11.86 -17.49 7.83
N GLY C 85 11.76 -18.74 7.37
CA GLY C 85 11.83 -19.07 5.96
C GLY C 85 13.29 -19.32 5.58
N VAL C 86 13.49 -20.18 4.59
CA VAL C 86 14.84 -20.45 4.12
C VAL C 86 15.03 -19.66 2.82
N PHE C 87 16.06 -18.82 2.77
CA PHE C 87 16.26 -18.02 1.57
C PHE C 87 17.56 -18.38 0.85
N PRO C 88 17.58 -18.27 -0.50
CA PRO C 88 18.85 -18.55 -1.15
C PRO C 88 19.89 -17.48 -0.80
N ARG C 89 21.14 -17.88 -0.72
CA ARG C 89 22.24 -16.96 -0.34
C ARG C 89 22.96 -16.30 -1.52
N ASP C 90 22.68 -16.75 -2.74
CA ASP C 90 23.48 -16.34 -3.91
C ASP C 90 22.78 -15.28 -4.73
N LYS C 91 21.57 -14.89 -4.32
CA LYS C 91 20.82 -13.84 -5.04
C LYS C 91 19.71 -13.29 -4.16
N GLU C 92 19.21 -12.10 -4.54
CA GLU C 92 18.10 -11.48 -3.88
C GLU C 92 16.81 -12.32 -4.10
N SER C 93 15.89 -12.22 -3.15
CA SER C 93 14.54 -12.72 -3.33
C SER C 93 13.52 -11.54 -3.38
N LEU C 94 12.41 -11.68 -4.11
CA LEU C 94 11.45 -10.57 -4.25
C LEU C 94 10.09 -10.96 -3.62
N LYS C 95 9.58 -10.09 -2.76
CA LYS C 95 8.19 -10.15 -2.32
C LYS C 95 7.58 -8.78 -2.62
N TRP C 96 6.28 -8.64 -2.30
CA TRP C 96 5.58 -7.37 -2.49
C TRP C 96 4.86 -7.00 -1.19
N LEU C 97 5.01 -5.75 -0.77
CA LEU C 97 4.20 -5.21 0.30
C LEU C 97 3.10 -4.36 -0.33
N CYS C 98 1.85 -4.67 0.02
CA CYS C 98 0.71 -3.91 -0.50
C CYS C 98 -0.06 -3.27 0.63
N VAL C 99 -0.27 -1.98 0.49
CA VAL C 99 -0.90 -1.17 1.51
C VAL C 99 -2.20 -0.54 0.92
N LYS C 100 -3.32 -1.01 1.44
CA LYS C 100 -4.63 -0.64 0.90
C LYS C 100 -5.35 0.34 1.82
N GLY C 101 -5.88 1.38 1.23
CA GLY C 101 -6.63 2.40 2.01
C GLY C 101 -8.16 2.21 1.84
N ILE C 102 -8.85 1.76 2.89
CA ILE C 102 -10.31 1.52 2.82
C ILE C 102 -11.11 2.70 3.30
N PRO C 103 -11.90 3.30 2.39
CA PRO C 103 -12.74 4.44 2.63
C PRO C 103 -13.91 4.12 3.58
N PRO C 104 -14.41 5.13 4.34
CA PRO C 104 -15.65 4.98 5.11
C PRO C 104 -16.85 4.90 4.14
N LYS C 105 -17.98 4.46 4.67
CA LYS C 105 -19.25 4.54 3.97
C LYS C 105 -19.59 5.97 3.52
N ASP C 106 -20.06 6.12 2.27
CA ASP C 106 -20.68 7.37 1.75
C ASP C 106 -22.01 7.72 2.48
N ASP C 123 -38.55 4.96 -11.73
CA ASP C 123 -39.11 4.34 -12.96
C ASP C 123 -38.14 4.27 -14.14
N LYS C 124 -37.24 5.24 -14.27
CA LYS C 124 -36.34 5.26 -15.43
C LYS C 124 -34.82 5.34 -15.16
N ASP C 125 -34.44 5.98 -14.06
CA ASP C 125 -33.03 6.38 -13.86
C ASP C 125 -32.25 5.24 -13.23
N VAL C 126 -31.01 5.11 -13.63
CA VAL C 126 -30.08 4.14 -13.00
C VAL C 126 -29.02 4.94 -12.24
N GLY C 127 -29.12 4.92 -10.90
CA GLY C 127 -28.10 5.65 -10.07
C GLY C 127 -26.86 4.80 -9.86
N VAL C 128 -25.68 5.34 -10.16
CA VAL C 128 -24.44 4.55 -10.14
C VAL C 128 -23.65 5.00 -8.92
N PHE C 129 -23.34 4.08 -8.02
CA PHE C 129 -22.61 4.44 -6.76
C PHE C 129 -21.38 3.55 -6.67
N VAL C 130 -20.21 4.13 -6.93
CA VAL C 130 -19.04 3.27 -6.97
C VAL C 130 -18.06 3.79 -5.91
N GLN C 131 -17.48 2.89 -5.20
CA GLN C 131 -16.42 3.32 -4.28
C GLN C 131 -15.10 2.64 -4.67
N PHE C 132 -13.99 3.30 -4.33
CA PHE C 132 -12.70 2.83 -4.78
C PHE C 132 -11.79 2.65 -3.57
N ALA C 133 -10.77 1.85 -3.70
CA ALA C 133 -9.72 1.82 -2.63
C ALA C 133 -8.42 1.64 -3.35
N ILE C 134 -7.44 2.51 -3.05
CA ILE C 134 -6.11 2.30 -3.58
C ILE C 134 -5.32 1.20 -2.82
N ASN C 135 -4.69 0.31 -3.58
CA ASN C 135 -3.83 -0.72 -3.03
C ASN C 135 -2.44 -0.46 -3.60
N ASN C 136 -1.67 0.26 -2.80
CA ASN C 136 -0.32 0.71 -3.22
C ASN C 136 0.71 -0.36 -2.85
N CYS C 137 1.33 -0.90 -3.89
CA CYS C 137 2.33 -2.01 -3.75
C CYS C 137 3.76 -1.68 -4.14
N ILE C 138 4.66 -2.10 -3.28
CA ILE C 138 6.09 -1.78 -3.47
C ILE C 138 6.91 -3.04 -3.33
N LYS C 139 8.03 -3.07 -4.03
CA LYS C 139 8.91 -4.25 -3.93
C LYS C 139 9.61 -4.39 -2.55
N LEU C 140 9.65 -5.61 -2.04
CA LEU C 140 10.35 -5.98 -0.80
C LEU C 140 11.46 -6.97 -1.23
N LEU C 141 12.68 -6.45 -1.27
CA LEU C 141 13.84 -7.11 -1.85
C LEU C 141 14.62 -7.66 -0.67
N VAL C 142 14.64 -9.00 -0.57
CA VAL C 142 15.39 -9.72 0.53
C VAL C 142 16.85 -9.91 0.07
N ARG C 143 17.79 -9.26 0.77
CA ARG C 143 19.17 -9.19 0.28
C ARG C 143 20.12 -9.87 1.26
N PRO C 144 20.59 -11.07 0.89
CA PRO C 144 21.65 -11.73 1.67
C PRO C 144 22.88 -10.84 1.84
N ASN C 145 23.35 -10.82 3.08
CA ASN C 145 24.52 -10.05 3.49
C ASN C 145 25.78 -10.59 2.77
N GLU C 146 25.69 -11.83 2.29
CA GLU C 146 26.73 -12.45 1.43
C GLU C 146 26.99 -11.69 0.14
N LEU C 147 25.97 -10.97 -0.35
CA LEU C 147 26.09 -10.23 -1.59
C LEU C 147 26.81 -8.93 -1.27
N LYS C 148 27.90 -8.71 -1.97
CA LYS C 148 28.65 -7.49 -1.81
C LYS C 148 28.29 -6.55 -2.97
N GLY C 149 28.17 -5.29 -2.62
CA GLY C 149 27.81 -4.27 -3.57
C GLY C 149 26.33 -3.92 -3.56
N THR C 150 25.98 -3.04 -4.49
CA THR C 150 24.61 -2.61 -4.70
C THR C 150 24.33 -2.70 -6.18
N PRO C 151 23.03 -2.65 -6.55
CA PRO C 151 22.71 -2.86 -7.96
C PRO C 151 23.35 -1.84 -8.92
N ILE C 152 23.53 -0.58 -8.50
CA ILE C 152 24.13 0.43 -9.43
C ILE C 152 25.53 0.03 -9.92
N GLN C 153 26.22 -0.80 -9.12
CA GLN C 153 27.55 -1.30 -9.47
C GLN C 153 27.54 -2.35 -10.59
N PHE C 154 26.37 -2.90 -10.91
CA PHE C 154 26.26 -3.94 -11.94
C PHE C 154 25.25 -3.67 -13.05
N ALA C 155 24.64 -2.48 -13.00
CA ALA C 155 23.66 -2.07 -14.01
C ALA C 155 24.18 -2.06 -15.47
N GLU C 156 25.46 -1.73 -15.62
CA GLU C 156 26.07 -1.66 -16.94
C GLU C 156 26.20 -3.08 -17.53
N ASN C 157 26.13 -4.11 -16.68
CA ASN C 157 26.35 -5.49 -17.14
C ASN C 157 25.20 -6.22 -17.85
N LEU C 158 24.02 -5.58 -17.95
CA LEU C 158 22.90 -6.16 -18.72
C LEU C 158 23.34 -6.35 -20.14
N SER C 159 22.96 -7.48 -20.75
CA SER C 159 23.18 -7.65 -22.19
C SER C 159 21.84 -7.93 -22.87
N TRP C 160 21.80 -7.77 -24.19
CA TRP C 160 20.49 -7.69 -24.89
C TRP C 160 20.47 -8.50 -26.16
N LYS C 161 19.38 -9.22 -26.40
CA LYS C 161 19.21 -9.94 -27.65
C LYS C 161 17.78 -9.91 -28.14
N VAL C 162 17.59 -10.22 -29.43
CA VAL C 162 16.23 -10.31 -29.98
C VAL C 162 15.93 -11.75 -30.40
N ASP C 163 14.86 -12.31 -29.84
CA ASP C 163 14.49 -13.71 -30.06
C ASP C 163 12.98 -13.79 -30.19
N GLY C 164 12.51 -14.48 -31.23
CA GLY C 164 11.07 -14.62 -31.48
C GLY C 164 10.27 -13.34 -31.32
N GLY C 165 10.80 -12.25 -31.87
CA GLY C 165 10.07 -10.98 -31.85
C GLY C 165 10.02 -10.21 -30.54
N LYS C 166 10.76 -10.67 -29.53
CA LYS C 166 10.80 -10.01 -28.19
C LYS C 166 12.21 -9.54 -27.90
N LEU C 167 12.37 -8.48 -27.10
CA LEU C 167 13.68 -7.98 -26.71
C LEU C 167 14.01 -8.58 -25.34
N ILE C 168 15.08 -9.37 -25.29
CA ILE C 168 15.47 -10.11 -24.11
C ILE C 168 16.64 -9.46 -23.40
N ALA C 169 16.41 -9.09 -22.14
CA ALA C 169 17.47 -8.63 -21.25
C ALA C 169 18.07 -9.81 -20.50
N GLU C 170 19.39 -9.79 -20.31
CA GLU C 170 20.12 -10.81 -19.56
C GLU C 170 20.85 -10.14 -18.40
N ASN C 171 20.61 -10.61 -17.18
CA ASN C 171 21.19 -10.02 -15.95
C ASN C 171 22.09 -11.03 -15.24
N PRO C 172 23.41 -10.92 -15.41
CA PRO C 172 24.35 -11.85 -14.75
C PRO C 172 24.57 -11.57 -13.24
N SER C 173 24.07 -10.44 -12.73
CA SER C 173 24.30 -10.06 -11.35
C SER C 173 23.36 -10.82 -10.38
N PRO C 174 23.69 -10.79 -9.06
CA PRO C 174 22.77 -11.44 -8.11
C PRO C 174 21.61 -10.55 -7.61
N PHE C 175 21.47 -9.34 -8.18
CA PHE C 175 20.43 -8.39 -7.78
C PHE C 175 19.30 -8.29 -8.82
N TYR C 176 18.06 -8.09 -8.36
CA TYR C 176 16.99 -7.62 -9.30
C TYR C 176 17.49 -6.34 -9.90
N MET C 177 17.43 -6.27 -11.22
CA MET C 177 17.68 -5.04 -11.96
C MET C 177 16.33 -4.34 -12.28
N ASN C 178 15.94 -3.44 -11.39
CA ASN C 178 14.63 -2.78 -11.52
C ASN C 178 14.74 -1.66 -12.53
N ILE C 179 14.55 -2.00 -13.79
CA ILE C 179 14.60 -1.01 -14.89
C ILE C 179 13.55 0.11 -14.68
N GLY C 180 13.96 1.37 -14.81
CA GLY C 180 13.05 2.49 -14.61
C GLY C 180 12.88 3.34 -15.88
N GLU C 181 13.75 3.13 -16.86
CA GLU C 181 13.60 3.81 -18.14
C GLU C 181 14.21 2.86 -19.18
N LEU C 182 13.53 2.60 -20.30
CA LEU C 182 14.06 1.66 -21.33
C LEU C 182 13.69 2.17 -22.72
N THR C 183 14.67 2.27 -23.60
CA THR C 183 14.39 2.68 -24.97
C THR C 183 15.12 1.73 -25.94
N PHE C 184 14.50 1.43 -27.08
CA PHE C 184 15.02 0.51 -28.07
C PHE C 184 14.96 1.22 -29.43
N GLY C 185 16.13 1.61 -29.95
CA GLY C 185 16.16 2.47 -31.13
C GLY C 185 15.38 3.78 -30.94
N GLY C 186 15.53 4.40 -29.77
CA GLY C 186 14.96 5.73 -29.47
C GLY C 186 13.48 5.71 -29.08
N LYS C 187 12.89 4.53 -29.15
CA LYS C 187 11.47 4.41 -28.84
C LYS C 187 11.25 3.78 -27.47
N SER C 188 10.32 4.34 -26.69
CA SER C 188 10.06 3.91 -25.31
C SER C 188 9.52 2.48 -25.20
N ILE C 189 10.08 1.73 -24.27
CA ILE C 189 9.50 0.46 -23.78
C ILE C 189 9.12 0.52 -22.25
N PRO C 190 7.89 0.04 -21.87
CA PRO C 190 7.47 0.08 -20.50
C PRO C 190 8.40 -0.79 -19.64
N SER C 191 8.90 -0.24 -18.55
CA SER C 191 9.93 -0.95 -17.73
C SER C 191 9.37 -2.22 -17.03
N HIS C 192 10.30 -3.10 -16.68
CA HIS C 192 10.04 -4.28 -15.82
C HIS C 192 11.37 -4.65 -15.24
N TYR C 193 11.37 -5.26 -14.05
CA TYR C 193 12.61 -5.77 -13.49
C TYR C 193 13.19 -6.92 -14.33
N ILE C 194 14.50 -7.08 -14.24
CA ILE C 194 15.13 -8.29 -14.76
C ILE C 194 15.57 -9.08 -13.53
N PRO C 195 15.13 -10.36 -13.41
CA PRO C 195 15.51 -11.11 -12.22
C PRO C 195 17.02 -11.48 -12.18
N PRO C 196 17.53 -11.78 -10.96
CA PRO C 196 18.95 -12.03 -10.81
C PRO C 196 19.35 -13.32 -11.50
N LYS C 197 20.55 -13.32 -12.09
CA LYS C 197 21.14 -14.46 -12.76
C LYS C 197 20.17 -15.09 -13.76
N SER C 198 19.41 -14.22 -14.42
CA SER C 198 18.30 -14.63 -15.26
C SER C 198 17.97 -13.60 -16.40
N THR C 199 16.76 -13.69 -16.95
CA THR C 199 16.36 -12.89 -18.11
C THR C 199 14.95 -12.33 -17.96
N TRP C 200 14.63 -11.29 -18.72
CA TRP C 200 13.25 -10.88 -18.90
C TRP C 200 13.00 -10.58 -20.38
N ALA C 201 11.83 -11.00 -20.89
CA ALA C 201 11.48 -10.82 -22.30
C ALA C 201 10.47 -9.69 -22.52
N PHE C 202 10.88 -8.63 -23.23
CA PHE C 202 10.00 -7.49 -23.46
C PHE C 202 9.32 -7.61 -24.82
N ASP C 203 7.99 -7.42 -24.80
CA ASP C 203 7.17 -7.46 -26.00
C ASP C 203 7.48 -6.24 -26.85
N LEU C 204 7.59 -6.46 -28.15
CA LEU C 204 7.87 -5.39 -29.12
C LEU C 204 6.66 -5.11 -30.01
N PRO C 205 5.88 -4.06 -29.66
CA PRO C 205 4.74 -3.62 -30.46
C PRO C 205 5.12 -2.92 -31.78
N LYS C 206 4.08 -2.49 -32.49
CA LYS C 206 4.11 -1.34 -33.39
C LYS C 206 5.37 -1.12 -34.19
N GLY C 207 5.95 0.06 -33.99
CA GLY C 207 7.07 0.50 -34.81
C GLY C 207 8.38 0.48 -34.08
N LEU C 208 8.48 -0.39 -33.06
CA LEU C 208 9.70 -0.54 -32.26
C LEU C 208 10.72 -1.55 -32.82
N ALA C 209 10.20 -2.51 -33.59
CA ALA C 209 10.96 -3.58 -34.22
C ALA C 209 12.05 -3.07 -35.17
N GLY C 210 13.15 -3.82 -35.22
CA GLY C 210 14.30 -3.45 -36.06
C GLY C 210 15.13 -2.10 -35.30
N ASN C 213 20.00 -0.81 -30.98
CA ASN C 213 20.64 -0.28 -29.78
C ASN C 213 19.59 -0.15 -28.64
N VAL C 214 20.02 -0.47 -27.42
CA VAL C 214 19.18 -0.38 -26.22
C VAL C 214 19.82 0.59 -25.25
N SER C 215 19.01 1.52 -24.71
CA SER C 215 19.45 2.40 -23.63
C SER C 215 18.57 2.15 -22.39
N TRP C 216 19.17 2.24 -21.21
CA TRP C 216 18.41 1.97 -19.94
C TRP C 216 18.98 2.67 -18.72
N ARG C 217 18.09 2.87 -17.76
CA ARG C 217 18.44 3.31 -16.40
C ARG C 217 17.76 2.36 -15.42
N ILE C 218 18.51 1.95 -14.39
CA ILE C 218 17.88 1.27 -13.27
C ILE C 218 17.43 2.27 -12.22
N ILE C 219 16.57 1.79 -11.33
CA ILE C 219 16.12 2.52 -10.16
C ILE C 219 17.07 2.07 -9.08
N ASN C 220 17.73 3.01 -8.43
CA ASN C 220 18.68 2.68 -7.37
C ASN C 220 17.94 2.25 -6.10
N ASP C 221 18.66 1.87 -5.02
CA ASP C 221 18.07 1.43 -3.75
C ASP C 221 17.26 2.54 -3.04
N GLN C 222 17.51 3.81 -3.43
CA GLN C 222 16.78 4.96 -2.85
C GLN C 222 15.59 5.41 -3.70
N GLY C 223 15.30 4.66 -4.74
CA GLY C 223 14.19 4.96 -5.64
C GLY C 223 14.38 5.99 -6.73
N GLY C 224 15.63 6.44 -6.92
CA GLY C 224 15.95 7.42 -7.95
C GLY C 224 16.41 6.70 -9.20
N LEU C 225 16.25 7.35 -10.35
CA LEU C 225 16.80 6.84 -11.58
C LEU C 225 18.32 7.03 -11.62
N ASP C 226 19.02 5.93 -11.90
CA ASP C 226 20.49 5.90 -12.02
C ASP C 226 20.93 6.40 -13.41
N ARG C 227 22.23 6.30 -13.70
CA ARG C 227 22.76 6.79 -14.98
C ARG C 227 22.26 5.98 -16.19
N LEU C 228 22.37 6.58 -17.37
CA LEU C 228 22.00 5.92 -18.59
C LEU C 228 23.13 5.03 -19.14
N TYR C 229 22.79 3.80 -19.49
CA TYR C 229 23.72 2.92 -20.19
C TYR C 229 23.14 2.61 -21.56
N SER C 230 24.02 2.33 -22.54
CA SER C 230 23.58 2.03 -23.91
C SER C 230 24.47 0.95 -24.51
N LYS C 231 23.82 -0.03 -25.15
CA LYS C 231 24.52 -1.15 -25.78
C LYS C 231 23.77 -1.60 -27.02
N ASN C 232 24.54 -2.00 -28.02
CA ASN C 232 24.02 -2.75 -29.14
C ASN C 232 23.44 -4.09 -28.71
N VAL C 233 22.42 -4.52 -29.42
CA VAL C 233 21.88 -5.85 -29.29
C VAL C 233 22.92 -6.87 -29.81
N THR C 234 22.96 -8.06 -29.24
CA THR C 234 23.81 -9.10 -29.74
C THR C 234 23.04 -10.29 -30.32
N LEU C 235 23.80 -11.30 -30.77
CA LEU C 235 23.36 -12.50 -31.51
C LEU C 235 23.64 -12.43 -33.04
#